data_4L0I
#
_entry.id   4L0I
#
_cell.length_a   93.190
_cell.length_b   97.440
_cell.length_c   117.570
_cell.angle_alpha   90.00
_cell.angle_beta   90.00
_cell.angle_gamma   90.00
#
_symmetry.space_group_name_H-M   'C 2 2 21'
#
loop_
_entity.id
_entity.type
_entity.pdbx_description
1 polymer Tankyrase-2
2 polymer Tankyrase-2
3 non-polymer 'ethyl 4-(4-oxo-4H-chromen-2-yl)benzoate'
4 non-polymer 'ZINC ION'
5 non-polymer 'SULFATE ION'
6 water water
#
loop_
_entity_poly.entity_id
_entity_poly.type
_entity_poly.pdbx_seq_one_letter_code
_entity_poly.pdbx_strand_id
1 'polypeptide(L)'
;MHHHHHHSSGVDLGTENLYFQSMLNTSGSGTILIDLSPDDKEFQSVEEEMQSTVREHRDGGHAGGIFNRYNILKIQKVCN
KKLWERYTHRRKEVSEENHNHANERMLFHGSPFVNAIIHKGFDERHAYIGGMFGAGIYFAENSSKSNQYVYGIGGGTGCP
VHKDRSCYICHRQLLFCRVTLGKSFLQFSAM
;
A,B
2 'polypeptide(L)' KMAHSPPGHHSVTGRPSVNGLALAEYVIYRGEQAYPEYLITYQIMRPEG C,D
#
loop_
_chem_comp.id
_chem_comp.type
_chem_comp.name
_chem_comp.formula
1UW non-polymer 'ethyl 4-(4-oxo-4H-chromen-2-yl)benzoate' 'C18 H14 O4'
SO4 non-polymer 'SULFATE ION' 'O4 S -2'
ZN non-polymer 'ZINC ION' 'Zn 2'
#
# COMPACT_ATOMS: atom_id res chain seq x y z
N GLY A 30 -21.04 -13.68 28.73
CA GLY A 30 -21.99 -12.54 28.76
C GLY A 30 -22.65 -12.25 27.40
N THR A 31 -22.13 -12.78 26.30
CA THR A 31 -22.66 -12.39 24.99
C THR A 31 -23.86 -13.24 24.55
N ILE A 32 -24.93 -12.61 24.07
CA ILE A 32 -25.93 -13.36 23.33
C ILE A 32 -26.12 -12.85 21.90
N LEU A 33 -26.44 -13.77 20.99
CA LEU A 33 -26.70 -13.42 19.60
C LEU A 33 -28.20 -13.54 19.29
N ILE A 34 -28.75 -12.47 18.76
CA ILE A 34 -30.15 -12.43 18.34
C ILE A 34 -30.22 -12.42 16.82
N ASP A 35 -30.87 -13.43 16.23
CA ASP A 35 -31.07 -13.48 14.77
C ASP A 35 -32.09 -12.51 14.27
N LEU A 36 -31.70 -11.68 13.31
CA LEU A 36 -32.61 -10.82 12.61
C LEU A 36 -33.30 -11.56 11.46
N SER A 37 -34.60 -11.35 11.34
CA SER A 37 -35.35 -11.80 10.17
C SER A 37 -34.95 -10.99 8.90
N PRO A 38 -34.85 -11.67 7.76
CA PRO A 38 -34.61 -10.94 6.50
C PRO A 38 -35.71 -9.96 6.13
N ASP A 39 -36.85 -10.07 6.80
CA ASP A 39 -37.99 -9.17 6.65
C ASP A 39 -37.94 -7.93 7.52
N ASP A 40 -37.10 -7.95 8.54
CA ASP A 40 -36.87 -6.79 9.38
C ASP A 40 -36.04 -5.75 8.59
N LYS A 41 -36.32 -4.48 8.84
CA LYS A 41 -35.67 -3.38 8.14
C LYS A 41 -34.21 -3.20 8.63
N GLU A 42 -33.97 -3.59 9.88
CA GLU A 42 -32.63 -3.59 10.44
C GLU A 42 -31.76 -4.61 9.66
N PHE A 43 -32.27 -5.82 9.41
CA PHE A 43 -31.59 -6.74 8.51
C PHE A 43 -31.29 -6.08 7.17
N GLN A 44 -32.31 -5.48 6.57
CA GLN A 44 -32.16 -4.93 5.22
C GLN A 44 -31.16 -3.73 5.12
N SER A 45 -31.17 -2.90 6.13
CA SER A 45 -30.31 -1.75 6.18
C SER A 45 -28.81 -2.20 6.28
N VAL A 46 -28.58 -3.26 7.06
CA VAL A 46 -27.25 -3.84 7.20
C VAL A 46 -26.81 -4.58 5.94
N GLU A 47 -27.65 -5.46 5.40
CA GLU A 47 -27.35 -6.13 4.14
C GLU A 47 -26.95 -5.12 3.06
N GLU A 48 -27.70 -4.03 2.97
CA GLU A 48 -27.47 -3.03 1.90
C GLU A 48 -26.12 -2.31 2.03
N GLU A 49 -25.70 -2.07 3.27
CA GLU A 49 -24.40 -1.49 3.63
C GLU A 49 -23.25 -2.41 3.18
N MET A 50 -23.45 -3.68 3.45
CA MET A 50 -22.54 -4.73 3.05
C MET A 50 -22.40 -4.84 1.52
N GLN A 51 -23.54 -4.98 0.80
CA GLN A 51 -23.57 -5.16 -0.67
C GLN A 51 -23.08 -3.89 -1.43
N SER A 52 -23.49 -2.72 -0.99
CA SER A 52 -23.24 -1.51 -1.78
C SER A 52 -21.80 -1.01 -1.67
N THR A 53 -21.04 -1.52 -0.68
CA THR A 53 -19.63 -1.11 -0.44
C THR A 53 -18.61 -2.16 -0.91
N VAL A 54 -19.03 -3.10 -1.73
CA VAL A 54 -18.07 -3.93 -2.46
C VAL A 54 -17.41 -3.11 -3.58
N ARG A 55 -16.09 -3.22 -3.70
CA ARG A 55 -15.37 -2.67 -4.83
C ARG A 55 -14.34 -3.67 -5.33
N GLU A 56 -13.65 -3.26 -6.39
CA GLU A 56 -12.50 -3.98 -6.93
C GLU A 56 -11.28 -3.64 -6.11
N HIS A 57 -10.41 -4.62 -6.02
CA HIS A 57 -9.18 -4.49 -5.30
C HIS A 57 -7.99 -4.67 -6.21
N ARG A 58 -6.96 -3.88 -5.92
CA ARG A 58 -5.74 -3.78 -6.72
C ARG A 58 -4.99 -5.11 -6.85
N ASP A 59 -5.24 -6.03 -5.91
CA ASP A 59 -4.68 -7.39 -6.00
C ASP A 59 -5.43 -8.31 -6.97
N GLY A 60 -6.42 -7.79 -7.67
CA GLY A 60 -7.26 -8.56 -8.56
C GLY A 60 -7.98 -9.72 -7.88
N GLY A 61 -8.13 -9.69 -6.56
CA GLY A 61 -8.80 -10.76 -5.81
C GLY A 61 -7.94 -11.81 -5.14
N HIS A 62 -6.62 -11.65 -5.17
CA HIS A 62 -5.71 -12.60 -4.54
C HIS A 62 -6.08 -12.86 -3.05
N ALA A 63 -6.22 -11.79 -2.26
CA ALA A 63 -6.48 -11.90 -0.80
C ALA A 63 -7.91 -12.32 -0.48
N GLY A 64 -8.87 -11.63 -1.06
CA GLY A 64 -10.26 -11.78 -0.68
C GLY A 64 -11.11 -12.60 -1.63
N GLY A 65 -10.60 -12.89 -2.84
CA GLY A 65 -11.39 -13.58 -3.82
C GLY A 65 -12.03 -12.68 -4.85
N ILE A 66 -12.58 -13.28 -5.87
CA ILE A 66 -13.15 -12.55 -7.00
C ILE A 66 -14.67 -12.64 -6.89
N PHE A 67 -15.33 -11.50 -6.75
CA PHE A 67 -16.77 -11.46 -6.51
C PHE A 67 -17.25 -10.03 -6.66
N ASN A 68 -18.49 -9.85 -7.07
CA ASN A 68 -19.13 -8.52 -7.11
C ASN A 68 -20.17 -8.34 -5.99
N ARG A 69 -20.68 -9.44 -5.44
CA ARG A 69 -21.66 -9.40 -4.36
C ARG A 69 -21.57 -10.64 -3.49
N TYR A 70 -22.36 -10.66 -2.40
CA TYR A 70 -22.37 -11.72 -1.41
C TYR A 70 -23.70 -12.44 -1.36
N ASN A 71 -23.68 -13.70 -0.97
CA ASN A 71 -24.90 -14.37 -0.47
C ASN A 71 -24.95 -14.20 1.07
N ILE A 72 -25.84 -13.35 1.58
CA ILE A 72 -25.98 -13.19 3.01
C ILE A 72 -26.78 -14.35 3.57
N LEU A 73 -26.19 -15.10 4.48
CA LEU A 73 -26.80 -16.28 5.09
C LEU A 73 -27.47 -15.94 6.43
N LYS A 74 -26.93 -14.97 7.14
CA LYS A 74 -27.41 -14.62 8.46
C LYS A 74 -26.84 -13.29 8.98
N ILE A 75 -27.67 -12.56 9.71
CA ILE A 75 -27.20 -11.38 10.43
C ILE A 75 -27.70 -11.47 11.86
N GLN A 76 -26.78 -11.37 12.82
CA GLN A 76 -27.09 -11.45 14.22
C GLN A 76 -26.68 -10.17 14.96
N LYS A 77 -27.54 -9.69 15.84
CA LYS A 77 -27.22 -8.58 16.72
C LYS A 77 -26.42 -9.11 17.90
N VAL A 78 -25.33 -8.42 18.24
CA VAL A 78 -24.49 -8.84 19.36
C VAL A 78 -24.81 -8.05 20.61
N CYS A 79 -25.26 -8.74 21.66
CA CYS A 79 -25.66 -8.09 22.93
C CYS A 79 -24.77 -8.53 24.08
N ASN A 80 -24.02 -7.57 24.60
CA ASN A 80 -23.19 -7.78 25.77
C ASN A 80 -23.19 -6.49 26.58
N LYS A 81 -23.87 -6.56 27.72
CA LYS A 81 -23.99 -5.41 28.65
C LYS A 81 -22.63 -4.84 29.02
N LYS A 82 -21.75 -5.67 29.52
CA LYS A 82 -20.48 -5.18 30.01
C LYS A 82 -19.65 -4.55 28.87
N LEU A 83 -19.64 -5.17 27.69
CA LEU A 83 -18.90 -4.60 26.55
C LEU A 83 -19.52 -3.29 26.05
N TRP A 84 -20.86 -3.21 26.05
CA TRP A 84 -21.55 -1.97 25.67
C TRP A 84 -21.20 -0.80 26.62
N GLU A 85 -21.27 -1.02 27.94
CA GLU A 85 -20.97 0.06 28.90
C GLU A 85 -19.51 0.50 28.84
N ARG A 86 -18.62 -0.45 28.59
CA ARG A 86 -17.23 -0.15 28.35
C ARG A 86 -17.10 0.79 27.12
N TYR A 87 -17.81 0.47 26.04
CA TYR A 87 -17.80 1.30 24.84
C TYR A 87 -18.40 2.69 25.14
N THR A 88 -19.57 2.74 25.76
CA THR A 88 -20.26 4.03 26.00
C THR A 88 -19.52 4.93 26.98
N HIS A 89 -18.83 4.33 27.94
CA HIS A 89 -18.03 5.08 28.89
C HIS A 89 -16.87 5.77 28.15
N ARG A 90 -16.15 5.02 27.34
CA ARG A 90 -15.06 5.59 26.59
C ARG A 90 -15.56 6.60 25.52
N ARG A 91 -16.73 6.35 24.94
CA ARG A 91 -17.33 7.28 23.98
C ARG A 91 -17.62 8.67 24.59
N LYS A 92 -18.15 8.69 25.81
CA LYS A 92 -18.32 9.96 26.56
C LYS A 92 -17.00 10.69 26.79
N GLU A 93 -15.94 9.97 27.17
CA GLU A 93 -14.65 10.61 27.36
C GLU A 93 -14.15 11.32 26.09
N VAL A 94 -14.27 10.63 24.95
CA VAL A 94 -13.87 11.16 23.66
C VAL A 94 -14.69 12.36 23.29
N SER A 95 -16.02 12.22 23.36
CA SER A 95 -16.95 13.31 23.07
C SER A 95 -16.58 14.61 23.83
N GLU A 96 -16.36 14.48 25.14
CA GLU A 96 -15.94 15.59 25.97
C GLU A 96 -14.59 16.20 25.63
N GLU A 97 -13.71 15.43 24.99
CA GLU A 97 -12.44 15.98 24.49
C GLU A 97 -12.51 16.48 23.03
N ASN A 98 -13.71 16.50 22.44
CA ASN A 98 -13.84 16.86 21.03
C ASN A 98 -15.17 17.56 20.75
N HIS A 99 -15.37 18.70 21.44
CA HIS A 99 -16.55 19.56 21.29
C HIS A 99 -17.84 18.77 21.27
N ASN A 100 -18.01 17.92 22.28
CA ASN A 100 -19.15 16.96 22.37
C ASN A 100 -19.45 16.15 21.09
N HIS A 101 -18.41 15.71 20.41
CA HIS A 101 -18.58 14.95 19.19
C HIS A 101 -17.74 13.70 19.21
N ALA A 102 -18.40 12.57 19.42
CA ALA A 102 -17.75 11.24 19.42
C ALA A 102 -17.23 10.86 18.03
N ASN A 103 -17.87 11.42 16.98
CA ASN A 103 -17.59 11.06 15.59
C ASN A 103 -17.71 9.54 15.42
N GLU A 104 -18.92 9.04 15.72
CA GLU A 104 -19.24 7.63 15.70
C GLU A 104 -19.65 7.15 14.30
N ARG A 105 -18.98 6.13 13.80
CA ARG A 105 -19.28 5.51 12.51
C ARG A 105 -19.69 4.05 12.68
N MET A 106 -20.28 3.49 11.64
CA MET A 106 -20.48 2.06 11.59
C MET A 106 -19.51 1.60 10.52
N LEU A 107 -18.64 0.66 10.87
CA LEU A 107 -17.58 0.21 9.99
C LEU A 107 -17.37 -1.29 10.05
N PHE A 108 -16.79 -1.84 9.00
CA PHE A 108 -16.60 -3.26 8.85
C PHE A 108 -15.31 -3.73 9.48
N HIS A 109 -15.29 -4.94 10.01
CA HIS A 109 -14.05 -5.54 10.50
C HIS A 109 -14.04 -7.02 10.17
N GLY A 110 -12.98 -7.47 9.51
CA GLY A 110 -12.81 -8.89 9.12
C GLY A 110 -11.59 -9.50 9.79
N SER A 111 -11.70 -10.70 10.34
CA SER A 111 -10.65 -11.23 11.21
C SER A 111 -10.87 -12.69 11.55
N PRO A 112 -9.77 -13.48 11.63
CA PRO A 112 -9.89 -14.85 12.19
C PRO A 112 -10.34 -14.84 13.66
N PHE A 113 -10.21 -13.70 14.33
CA PHE A 113 -10.61 -13.61 15.74
C PHE A 113 -12.06 -13.17 16.02
N VAL A 114 -12.94 -13.18 15.02
CA VAL A 114 -14.30 -12.69 15.26
C VAL A 114 -14.97 -13.38 16.45
N ASN A 115 -14.75 -14.68 16.64
CA ASN A 115 -15.39 -15.37 17.79
C ASN A 115 -14.86 -14.89 19.11
N ALA A 116 -13.57 -14.66 19.24
CA ALA A 116 -13.08 -14.05 20.46
C ALA A 116 -13.61 -12.60 20.64
N ILE A 117 -13.76 -11.86 19.53
CA ILE A 117 -14.15 -10.46 19.65
C ILE A 117 -15.59 -10.31 20.18
N ILE A 118 -16.50 -11.13 19.67
CA ILE A 118 -17.87 -11.01 20.12
C ILE A 118 -18.05 -11.44 21.58
N HIS A 119 -17.19 -12.32 22.11
CA HIS A 119 -17.31 -12.74 23.52
C HIS A 119 -16.55 -11.84 24.50
N LYS A 120 -15.37 -11.34 24.11
CA LYS A 120 -14.47 -10.63 25.05
C LYS A 120 -14.13 -9.20 24.65
N GLY A 121 -14.59 -8.75 23.48
CA GLY A 121 -14.31 -7.40 23.03
C GLY A 121 -13.00 -7.25 22.31
N PHE A 122 -12.82 -6.15 21.60
CA PHE A 122 -11.53 -5.84 20.96
C PHE A 122 -10.44 -5.54 22.00
N ASP A 123 -9.25 -6.07 21.81
CA ASP A 123 -8.05 -5.58 22.52
C ASP A 123 -6.77 -5.65 21.64
N GLU A 124 -5.64 -5.21 22.19
CA GLU A 124 -4.30 -5.30 21.54
C GLU A 124 -3.95 -6.61 20.81
N ARG A 125 -4.54 -7.72 21.22
CA ARG A 125 -4.40 -9.00 20.49
C ARG A 125 -5.00 -8.99 19.08
N HIS A 126 -5.94 -8.09 18.82
CA HIS A 126 -6.59 -7.98 17.48
C HIS A 126 -5.96 -6.87 16.60
N ALA A 127 -4.83 -6.32 17.08
CA ALA A 127 -4.11 -5.25 16.44
C ALA A 127 -3.44 -5.75 15.20
N TYR A 128 -3.33 -4.85 14.20
CA TYR A 128 -2.59 -5.09 12.98
C TYR A 128 -1.22 -4.47 13.19
N ILE A 129 -0.30 -5.27 13.69
CA ILE A 129 0.99 -4.76 14.14
C ILE A 129 1.78 -4.14 12.99
N GLY A 130 1.73 -4.71 11.78
CA GLY A 130 2.42 -4.15 10.62
C GLY A 130 1.57 -3.31 9.67
N GLY A 131 0.45 -2.75 10.19
CA GLY A 131 -0.37 -1.90 9.38
C GLY A 131 0.32 -0.60 8.97
N MET A 132 -0.16 0.00 7.89
CA MET A 132 0.44 1.19 7.32
C MET A 132 0.29 2.41 8.22
N PHE A 133 -0.73 2.46 9.05
CA PHE A 133 -0.93 3.57 9.99
C PHE A 133 -0.60 3.17 11.43
N GLY A 134 0.32 2.23 11.59
CA GLY A 134 0.73 1.81 12.94
C GLY A 134 -0.05 0.62 13.51
N ALA A 135 0.44 0.14 14.64
CA ALA A 135 -0.11 -1.01 15.30
C ALA A 135 -1.41 -0.65 16.01
N GLY A 136 -2.53 -0.73 15.29
CA GLY A 136 -3.86 -0.59 15.91
C GLY A 136 -4.89 -1.51 15.30
N ILE A 137 -6.15 -1.24 15.60
CA ILE A 137 -7.24 -2.06 15.12
C ILE A 137 -7.88 -1.29 13.99
N TYR A 138 -7.98 -1.95 12.84
CA TYR A 138 -8.30 -1.35 11.57
C TYR A 138 -9.77 -1.66 11.20
N PHE A 139 -10.43 -0.65 10.63
CA PHE A 139 -11.81 -0.78 10.15
C PHE A 139 -11.94 -0.21 8.75
N ALA A 140 -12.90 -0.73 7.99
CA ALA A 140 -13.09 -0.29 6.60
C ALA A 140 -14.52 0.21 6.30
N GLU A 141 -14.63 1.19 5.43
CA GLU A 141 -15.93 1.55 4.82
C GLU A 141 -16.30 0.53 3.75
N ASN A 142 -15.32 0.01 3.00
CA ASN A 142 -15.59 -1.06 2.07
C ASN A 142 -15.65 -2.45 2.74
N SER A 143 -16.84 -3.03 2.76
CA SER A 143 -16.99 -4.42 3.22
C SER A 143 -15.98 -5.37 2.51
N SER A 144 -15.75 -5.17 1.21
CA SER A 144 -14.81 -6.00 0.44
C SER A 144 -13.37 -5.88 0.98
N LYS A 145 -13.06 -4.77 1.61
CA LYS A 145 -11.70 -4.57 2.14
C LYS A 145 -11.57 -5.40 3.41
N SER A 146 -12.54 -5.27 4.32
CA SER A 146 -12.58 -6.14 5.48
C SER A 146 -12.61 -7.62 5.11
N ASN A 147 -13.28 -7.99 4.03
CA ASN A 147 -13.30 -9.37 3.57
C ASN A 147 -11.90 -9.92 3.28
N GLN A 148 -10.96 -9.05 2.93
CA GLN A 148 -9.61 -9.51 2.66
C GLN A 148 -8.89 -10.03 3.90
N TYR A 149 -9.39 -9.75 5.08
CA TYR A 149 -8.72 -10.20 6.27
C TYR A 149 -9.43 -11.35 7.02
N VAL A 150 -10.54 -11.83 6.49
CA VAL A 150 -11.35 -12.82 7.19
C VAL A 150 -10.52 -14.06 7.49
N TYR A 151 -9.66 -14.44 6.55
CA TYR A 151 -8.73 -15.56 6.76
C TYR A 151 -7.35 -15.19 7.18
N GLY A 152 -7.17 -13.96 7.62
CA GLY A 152 -5.87 -13.51 8.10
C GLY A 152 -5.34 -12.47 7.15
N ILE A 153 -4.18 -11.93 7.49
CA ILE A 153 -3.53 -10.91 6.70
C ILE A 153 -3.23 -11.40 5.27
N GLY A 154 -3.54 -10.61 4.26
CA GLY A 154 -3.36 -11.05 2.88
C GLY A 154 -4.23 -12.24 2.52
N GLY A 155 -5.25 -12.53 3.36
CA GLY A 155 -6.11 -13.68 3.17
C GLY A 155 -5.55 -14.98 3.69
N GLY A 156 -4.32 -14.95 4.22
CA GLY A 156 -3.65 -16.13 4.77
C GLY A 156 -3.57 -17.22 3.72
N THR A 157 -3.96 -18.44 4.09
CA THR A 157 -4.03 -19.58 3.14
C THR A 157 -5.44 -19.89 2.71
N GLY A 158 -6.36 -18.95 2.89
CA GLY A 158 -7.73 -19.16 2.46
C GLY A 158 -8.57 -19.90 3.48
N CYS A 159 -9.74 -20.37 3.06
CA CYS A 159 -10.65 -21.10 3.90
C CYS A 159 -9.91 -22.30 4.54
N PRO A 160 -10.21 -22.61 5.81
CA PRO A 160 -9.68 -23.85 6.45
C PRO A 160 -9.96 -25.18 5.69
N VAL A 161 -11.10 -25.33 5.06
CA VAL A 161 -11.42 -26.62 4.42
C VAL A 161 -10.74 -26.87 3.06
N HIS A 162 -10.72 -25.88 2.19
CA HIS A 162 -10.15 -26.03 0.84
C HIS A 162 -8.85 -25.25 0.58
N LYS A 163 -8.32 -24.52 1.56
CA LYS A 163 -7.13 -23.69 1.33
C LYS A 163 -7.29 -22.73 0.14
N ASP A 164 -8.49 -22.17 0.01
CA ASP A 164 -8.83 -21.32 -1.11
C ASP A 164 -9.27 -19.91 -0.65
N ARG A 165 -8.43 -18.91 -0.94
CA ARG A 165 -8.76 -17.52 -0.64
C ARG A 165 -10.01 -17.04 -1.38
N SER A 166 -10.33 -17.71 -2.49
CA SER A 166 -11.53 -17.38 -3.25
C SER A 166 -12.66 -18.42 -3.07
N CYS A 167 -12.70 -19.16 -1.96
CA CYS A 167 -13.74 -20.18 -1.76
C CYS A 167 -15.16 -19.60 -1.88
N TYR A 168 -15.97 -20.23 -2.72
CA TYR A 168 -17.38 -19.86 -2.90
C TYR A 168 -18.31 -20.72 -2.06
N ILE A 169 -17.76 -21.66 -1.28
CA ILE A 169 -18.52 -22.64 -0.55
C ILE A 169 -18.52 -22.31 0.93
N CYS A 170 -17.35 -22.08 1.48
CA CYS A 170 -17.25 -21.93 2.94
C CYS A 170 -17.92 -20.65 3.44
N HIS A 171 -18.46 -20.72 4.66
CA HIS A 171 -19.13 -19.58 5.28
C HIS A 171 -18.12 -18.62 5.84
N ARG A 172 -18.26 -17.33 5.54
CA ARG A 172 -17.41 -16.31 6.11
C ARG A 172 -18.20 -15.47 7.09
N GLN A 173 -17.46 -14.86 8.00
CA GLN A 173 -18.03 -13.89 8.92
C GLN A 173 -17.30 -12.55 8.98
N LEU A 174 -18.09 -11.47 8.93
CA LEU A 174 -17.63 -10.11 9.14
C LEU A 174 -18.33 -9.50 10.34
N LEU A 175 -17.73 -8.44 10.89
CA LEU A 175 -18.42 -7.58 11.83
C LEU A 175 -18.72 -6.18 11.26
N PHE A 176 -19.91 -5.69 11.60
CA PHE A 176 -20.31 -4.33 11.38
C PHE A 176 -20.36 -3.67 12.75
N CYS A 177 -19.41 -2.77 12.99
CA CYS A 177 -19.15 -2.28 14.36
C CYS A 177 -19.44 -0.79 14.53
N ARG A 178 -19.76 -0.40 15.75
CA ARG A 178 -19.88 1.00 16.14
C ARG A 178 -18.48 1.42 16.62
N VAL A 179 -17.91 2.42 15.96
CA VAL A 179 -16.53 2.82 16.19
C VAL A 179 -16.43 4.32 16.53
N THR A 180 -15.84 4.63 17.67
CA THR A 180 -15.69 6.02 18.06
C THR A 180 -14.42 6.61 17.50
N LEU A 181 -14.49 7.58 16.61
CA LEU A 181 -13.26 8.12 16.01
C LEU A 181 -12.73 9.38 16.70
N GLY A 182 -13.61 10.06 17.45
CA GLY A 182 -13.33 11.40 17.94
C GLY A 182 -12.61 12.28 16.92
N LYS A 183 -11.57 12.98 17.37
CA LYS A 183 -10.72 13.74 16.47
C LYS A 183 -9.74 12.82 15.75
N SER A 184 -9.95 12.66 14.46
CA SER A 184 -9.20 11.69 13.71
C SER A 184 -8.07 12.34 12.90
N PHE A 185 -6.89 11.77 12.97
CA PHE A 185 -5.76 12.29 12.23
C PHE A 185 -5.85 11.86 10.78
N LEU A 186 -5.73 12.82 9.88
CA LEU A 186 -5.98 12.55 8.50
C LEU A 186 -4.66 12.32 7.81
N GLN A 187 -4.52 11.11 7.28
CA GLN A 187 -3.35 10.62 6.63
C GLN A 187 -3.75 10.33 5.21
N PHE A 188 -3.28 11.14 4.27
CA PHE A 188 -3.52 10.87 2.87
C PHE A 188 -2.56 9.77 2.52
N SER A 189 -2.86 9.03 1.48
CA SER A 189 -2.10 7.82 1.24
C SER A 189 -2.42 7.19 -0.08
N ALA A 190 -1.44 6.42 -0.57
CA ALA A 190 -1.66 5.50 -1.69
C ALA A 190 -1.89 4.07 -1.16
N MET B 2 0.42 -2.78 20.94
CA MET B 2 -0.41 -1.68 20.41
C MET B 2 0.18 -0.27 20.61
N ALA B 3 0.24 0.52 19.52
CA ALA B 3 0.81 1.88 19.55
C ALA B 3 -0.16 2.89 20.14
N HIS B 4 0.19 4.18 20.10
CA HIS B 4 -0.71 5.25 20.57
C HIS B 4 -1.16 6.04 19.38
N SER B 5 -2.29 6.71 19.55
CA SER B 5 -2.75 7.66 18.54
C SER B 5 -1.78 8.84 18.54
N PRO B 6 -1.69 9.58 17.41
CA PRO B 6 -0.90 10.80 17.43
C PRO B 6 -1.31 11.70 18.59
N PRO B 7 -0.35 12.46 19.16
CA PRO B 7 -0.81 13.35 20.26
C PRO B 7 -1.98 14.25 19.82
N GLY B 8 -3.00 14.36 20.66
CA GLY B 8 -4.17 15.20 20.37
C GLY B 8 -5.25 14.59 19.49
N HIS B 9 -5.17 13.28 19.21
CA HIS B 9 -6.11 12.61 18.32
C HIS B 9 -6.60 11.30 18.96
N HIS B 10 -7.77 10.84 18.53
CA HIS B 10 -8.28 9.60 19.08
C HIS B 10 -8.24 8.44 18.07
N SER B 11 -7.84 8.71 16.84
CA SER B 11 -7.89 7.72 15.78
C SER B 11 -7.14 8.21 14.58
N VAL B 12 -6.95 7.34 13.61
CA VAL B 12 -6.39 7.73 12.33
C VAL B 12 -7.37 7.39 11.24
N THR B 13 -7.54 8.32 10.29
CA THR B 13 -8.25 8.13 9.03
C THR B 13 -7.29 7.96 7.87
N GLY B 14 -7.28 6.77 7.28
CA GLY B 14 -6.53 6.46 6.06
C GLY B 14 -7.35 6.87 4.87
N ARG B 15 -6.92 7.89 4.15
CA ARG B 15 -7.71 8.37 3.06
C ARG B 15 -6.98 8.10 1.76
N PRO B 16 -7.56 7.27 0.87
CA PRO B 16 -6.85 6.94 -0.34
C PRO B 16 -6.82 8.16 -1.18
N SER B 17 -5.62 8.57 -1.63
CA SER B 17 -5.48 9.78 -2.46
C SER B 17 -5.35 9.42 -3.93
N VAL B 18 -4.84 8.21 -4.21
CA VAL B 18 -4.66 7.71 -5.60
C VAL B 18 -5.94 7.08 -6.21
N ASN B 19 -6.44 5.98 -5.65
CA ASN B 19 -7.71 5.40 -6.15
C ASN B 19 -8.89 6.23 -5.69
N GLY B 20 -9.60 6.80 -6.66
CA GLY B 20 -10.84 7.54 -6.37
C GLY B 20 -11.96 6.67 -5.82
N LEU B 21 -12.03 5.43 -6.30
CA LEU B 21 -13.12 4.50 -5.95
C LEU B 21 -13.01 3.82 -4.60
N ALA B 22 -11.87 3.98 -3.91
CA ALA B 22 -11.64 3.30 -2.66
C ALA B 22 -12.13 4.17 -1.55
N LEU B 23 -12.91 3.61 -0.63
CA LEU B 23 -13.28 4.34 0.53
C LEU B 23 -12.19 4.31 1.63
N ALA B 24 -12.43 5.12 2.66
CA ALA B 24 -11.58 5.29 3.78
C ALA B 24 -11.45 4.06 4.67
N GLU B 25 -10.31 4.04 5.38
CA GLU B 25 -10.01 3.04 6.40
C GLU B 25 -9.67 3.80 7.66
N TYR B 26 -9.92 3.19 8.82
CA TYR B 26 -9.73 3.87 10.07
C TYR B 26 -8.97 3.00 11.08
N VAL B 27 -8.28 3.63 12.03
CA VAL B 27 -7.57 2.88 13.05
C VAL B 27 -7.81 3.49 14.39
N ILE B 28 -8.10 2.67 15.39
CA ILE B 28 -8.22 3.10 16.77
C ILE B 28 -7.15 2.34 17.55
N TYR B 29 -6.73 2.89 18.68
CA TYR B 29 -5.62 2.32 19.43
C TYR B 29 -6.09 1.88 20.81
N ARG B 30 -7.40 1.88 21.00
CA ARG B 30 -8.02 1.46 22.28
C ARG B 30 -9.20 0.57 21.91
N GLY B 31 -9.16 -0.67 22.36
CA GLY B 31 -10.26 -1.60 22.16
C GLY B 31 -11.65 -1.15 22.53
N GLU B 32 -11.78 -0.35 23.58
CA GLU B 32 -13.06 0.13 24.04
C GLU B 32 -13.69 1.26 23.20
N GLN B 33 -13.04 1.69 22.12
CA GLN B 33 -13.62 2.62 21.14
C GLN B 33 -14.33 1.89 19.99
N ALA B 34 -14.58 0.59 20.13
CA ALA B 34 -15.41 -0.12 19.18
C ALA B 34 -16.27 -1.18 19.86
N TYR B 35 -17.49 -1.30 19.36
CA TYR B 35 -18.43 -2.29 19.78
C TYR B 35 -18.88 -3.12 18.56
N PRO B 36 -18.72 -4.42 18.63
CA PRO B 36 -19.09 -5.29 17.51
C PRO B 36 -20.61 -5.57 17.45
N GLU B 37 -21.39 -4.74 16.74
CA GLU B 37 -22.85 -4.79 16.86
C GLU B 37 -23.50 -5.90 16.12
N TYR B 38 -23.06 -6.15 14.91
CA TYR B 38 -23.70 -7.12 14.05
C TYR B 38 -22.67 -8.11 13.55
N LEU B 39 -23.08 -9.37 13.54
CA LEU B 39 -22.26 -10.46 13.05
C LEU B 39 -22.93 -10.95 11.78
N ILE B 40 -22.21 -10.84 10.66
CA ILE B 40 -22.76 -11.13 9.39
C ILE B 40 -22.09 -12.40 8.84
N THR B 41 -22.90 -13.41 8.59
CA THR B 41 -22.46 -14.66 7.97
C THR B 41 -22.85 -14.71 6.49
N TYR B 42 -21.88 -15.07 5.65
CA TYR B 42 -22.05 -14.91 4.21
C TYR B 42 -21.15 -15.79 3.37
N GLN B 43 -21.49 -15.92 2.08
CA GLN B 43 -20.53 -16.38 1.11
C GLN B 43 -20.26 -15.28 0.10
N ILE B 44 -19.04 -15.21 -0.44
CA ILE B 44 -18.85 -14.45 -1.66
C ILE B 44 -19.48 -15.25 -2.82
N MET B 45 -19.96 -14.55 -3.82
CA MET B 45 -20.56 -15.20 -5.00
C MET B 45 -19.71 -15.13 -6.28
N ARG B 46 -19.55 -16.27 -6.96
CA ARG B 46 -18.83 -16.32 -8.25
C ARG B 46 -19.56 -15.47 -9.30
N PRO B 47 -18.86 -14.49 -9.95
CA PRO B 47 -19.56 -13.70 -10.99
C PRO B 47 -20.12 -14.56 -12.13
N GLU B 48 -21.16 -14.07 -12.81
CA GLU B 48 -21.83 -14.87 -13.85
C GLU B 48 -20.85 -15.55 -14.80
N GLY C 30 -4.28 -4.41 -17.12
CA GLY C 30 -3.94 -5.80 -16.69
C GLY C 30 -2.94 -5.89 -15.54
N THR C 31 -2.78 -4.81 -14.77
CA THR C 31 -1.86 -4.85 -13.65
C THR C 31 -2.53 -5.30 -12.36
N ILE C 32 -1.97 -6.31 -11.71
CA ILE C 32 -2.29 -6.59 -10.32
C ILE C 32 -1.07 -6.35 -9.39
N LEU C 33 -1.33 -5.87 -8.18
CA LEU C 33 -0.31 -5.68 -7.16
C LEU C 33 -0.50 -6.71 -6.06
N ILE C 34 0.56 -7.45 -5.74
CA ILE C 34 0.52 -8.44 -4.67
C ILE C 34 1.38 -7.95 -3.52
N ASP C 35 0.77 -7.82 -2.34
CA ASP C 35 1.52 -7.48 -1.12
C ASP C 35 2.52 -8.54 -0.75
N LEU C 36 3.75 -8.13 -0.45
CA LEU C 36 4.69 -9.02 0.22
C LEU C 36 4.58 -8.86 1.75
N SER C 37 4.80 -9.96 2.45
CA SER C 37 4.81 -9.98 3.90
C SER C 37 6.19 -9.56 4.36
N PRO C 38 6.24 -8.72 5.39
CA PRO C 38 7.50 -8.36 6.02
C PRO C 38 8.27 -9.53 6.65
N ASP C 39 7.63 -10.68 6.89
CA ASP C 39 8.31 -11.94 7.31
C ASP C 39 8.94 -12.70 6.17
N ASP C 40 8.64 -12.30 4.94
CA ASP C 40 9.12 -12.91 3.71
C ASP C 40 10.55 -12.37 3.46
N LYS C 41 11.44 -13.25 3.01
CA LYS C 41 12.80 -12.87 2.66
C LYS C 41 12.88 -11.92 1.46
N GLU C 42 12.00 -12.09 0.50
CA GLU C 42 11.92 -11.18 -0.64
C GLU C 42 11.65 -9.73 -0.18
N PHE C 43 10.74 -9.55 0.76
CA PHE C 43 10.49 -8.23 1.37
C PHE C 43 11.74 -7.69 2.01
N GLN C 44 12.35 -8.51 2.85
CA GLN C 44 13.50 -8.04 3.64
C GLN C 44 14.67 -7.63 2.77
N SER C 45 14.84 -8.35 1.68
CA SER C 45 15.89 -8.11 0.73
C SER C 45 15.72 -6.75 -0.02
N VAL C 46 14.52 -6.46 -0.46
CA VAL C 46 14.22 -5.19 -1.09
C VAL C 46 14.37 -4.05 -0.07
N GLU C 47 13.84 -4.28 1.13
CA GLU C 47 14.02 -3.28 2.18
C GLU C 47 15.49 -2.99 2.38
N GLU C 48 16.30 -4.04 2.44
CA GLU C 48 17.73 -3.87 2.72
C GLU C 48 18.40 -3.14 1.57
N GLU C 49 17.98 -3.42 0.36
CA GLU C 49 18.53 -2.73 -0.79
C GLU C 49 18.22 -1.22 -0.75
N MET C 50 17.02 -0.84 -0.29
CA MET C 50 16.63 0.57 -0.05
C MET C 50 17.48 1.21 1.02
N GLN C 51 17.50 0.59 2.20
CA GLN C 51 18.11 1.21 3.39
C GLN C 51 19.62 1.35 3.20
N SER C 52 20.27 0.33 2.65
CA SER C 52 21.73 0.35 2.57
C SER C 52 22.29 1.27 1.46
N THR C 53 21.45 1.78 0.55
CA THR C 53 21.94 2.64 -0.53
C THR C 53 21.51 4.10 -0.37
N VAL C 54 21.17 4.48 0.87
CA VAL C 54 20.97 5.87 1.22
C VAL C 54 22.34 6.56 1.40
N ARG C 55 22.52 7.73 0.79
CA ARG C 55 23.75 8.50 0.99
C ARG C 55 23.40 9.96 1.29
N GLU C 56 24.38 10.74 1.68
CA GLU C 56 24.24 12.20 1.70
C GLU C 56 24.28 12.71 0.30
N HIS C 57 23.53 13.79 0.07
CA HIS C 57 23.49 14.47 -1.23
C HIS C 57 24.09 15.88 -1.16
N ARG C 58 24.65 16.35 -2.26
CA ARG C 58 25.39 17.60 -2.23
C ARG C 58 24.49 18.80 -1.99
N ASP C 59 23.16 18.62 -2.12
CA ASP C 59 22.21 19.70 -1.91
C ASP C 59 21.75 19.84 -0.47
N GLY C 60 22.40 19.10 0.43
CA GLY C 60 22.06 19.12 1.87
C GLY C 60 20.62 18.72 2.19
N GLY C 61 19.94 17.98 1.30
CA GLY C 61 18.52 17.62 1.49
C GLY C 61 17.48 18.51 0.78
N HIS C 62 17.92 19.54 0.08
CA HIS C 62 16.98 20.44 -0.54
C HIS C 62 15.87 19.74 -1.36
N ALA C 63 16.27 18.82 -2.25
CA ALA C 63 15.34 18.20 -3.20
C ALA C 63 14.56 17.01 -2.62
N GLY C 64 15.23 16.15 -1.86
CA GLY C 64 14.61 14.90 -1.37
C GLY C 64 14.34 14.85 0.11
N GLY C 65 14.85 15.83 0.85
CA GLY C 65 14.71 15.81 2.31
C GLY C 65 15.94 15.39 3.11
N ILE C 66 15.84 15.61 4.42
CA ILE C 66 16.92 15.25 5.36
C ILE C 66 16.54 13.95 6.09
N PHE C 67 17.30 12.89 5.81
CA PHE C 67 17.07 11.57 6.39
C PHE C 67 18.31 10.69 6.20
N ASN C 68 18.45 9.71 7.10
CA ASN C 68 19.42 8.62 7.00
C ASN C 68 18.78 7.30 6.69
N ARG C 69 17.46 7.21 6.83
CA ARG C 69 16.74 5.96 6.67
C ARG C 69 15.25 6.16 6.42
N TYR C 70 14.60 5.08 6.04
CA TYR C 70 13.21 5.16 5.68
C TYR C 70 12.41 4.35 6.66
N ASN C 71 11.13 4.68 6.76
CA ASN C 71 10.13 3.79 7.33
C ASN C 71 9.38 3.16 6.17
N ILE C 72 9.62 1.88 5.93
CA ILE C 72 8.97 1.11 4.85
C ILE C 72 7.57 0.65 5.30
N LEU C 73 6.53 1.09 4.60
CA LEU C 73 5.15 0.78 4.94
C LEU C 73 4.63 -0.42 4.18
N LYS C 74 5.12 -0.61 2.97
CA LYS C 74 4.64 -1.67 2.10
C LYS C 74 5.56 -1.89 0.91
N ILE C 75 5.63 -3.16 0.49
CA ILE C 75 6.24 -3.52 -0.76
C ILE C 75 5.33 -4.45 -1.52
N GLN C 76 5.05 -4.10 -2.77
CA GLN C 76 4.16 -4.86 -3.62
C GLN C 76 4.85 -5.31 -4.92
N LYS C 77 4.58 -6.56 -5.31
CA LYS C 77 5.03 -7.08 -6.60
C LYS C 77 4.05 -6.61 -7.68
N VAL C 78 4.59 -6.14 -8.80
CA VAL C 78 3.77 -5.65 -9.89
C VAL C 78 3.71 -6.72 -10.98
N CYS C 79 2.51 -7.24 -11.25
CA CYS C 79 2.30 -8.29 -12.24
C CYS C 79 1.43 -7.75 -13.35
N ASN C 80 1.97 -7.78 -14.56
CA ASN C 80 1.25 -7.42 -15.77
C ASN C 80 1.88 -8.21 -16.90
N LYS C 81 1.12 -9.18 -17.38
CA LYS C 81 1.52 -10.13 -18.42
C LYS C 81 2.00 -9.47 -19.70
N LYS C 82 1.23 -8.50 -20.16
CA LYS C 82 1.57 -7.85 -21.43
C LYS C 82 2.84 -7.00 -21.29
N LEU C 83 2.97 -6.23 -20.20
CA LEU C 83 4.19 -5.45 -19.98
C LEU C 83 5.40 -6.36 -19.80
N TRP C 84 5.22 -7.51 -19.15
CA TRP C 84 6.32 -8.40 -18.90
C TRP C 84 6.81 -9.04 -20.20
N GLU C 85 5.88 -9.36 -21.10
CA GLU C 85 6.21 -9.97 -22.39
C GLU C 85 6.93 -8.97 -23.29
N ARG C 86 6.48 -7.71 -23.27
CA ARG C 86 7.19 -6.62 -23.95
C ARG C 86 8.63 -6.50 -23.45
N TYR C 87 8.81 -6.50 -22.13
CA TYR C 87 10.14 -6.37 -21.53
C TYR C 87 11.06 -7.51 -21.95
N THR C 88 10.58 -8.74 -21.79
CA THR C 88 11.37 -9.95 -22.10
C THR C 88 11.70 -10.10 -23.58
N HIS C 89 10.82 -9.57 -24.44
CA HIS C 89 11.05 -9.54 -25.87
C HIS C 89 12.19 -8.56 -26.24
N ARG C 90 12.18 -7.37 -25.64
CA ARG C 90 13.28 -6.42 -25.85
C ARG C 90 14.57 -6.99 -25.24
N ARG C 91 14.46 -7.64 -24.09
CA ARG C 91 15.61 -8.20 -23.42
C ARG C 91 16.35 -9.22 -24.33
N LYS C 92 15.60 -10.14 -24.94
CA LYS C 92 16.12 -11.14 -25.87
C LYS C 92 16.84 -10.51 -27.06
N GLU C 93 16.31 -9.41 -27.59
CA GLU C 93 16.96 -8.66 -28.67
C GLU C 93 18.26 -8.03 -28.26
N VAL C 94 18.23 -7.26 -27.16
CA VAL C 94 19.44 -6.62 -26.63
C VAL C 94 20.47 -7.72 -26.30
N SER C 95 20.01 -8.79 -25.65
CA SER C 95 20.90 -9.87 -25.24
C SER C 95 21.67 -10.45 -26.45
N GLU C 96 20.96 -10.70 -27.56
CA GLU C 96 21.56 -11.28 -28.78
C GLU C 96 22.48 -10.33 -29.53
N GLU C 97 22.10 -9.05 -29.54
CA GLU C 97 22.95 -7.98 -30.07
C GLU C 97 24.22 -7.77 -29.26
N ASN C 98 24.23 -8.16 -27.99
CA ASN C 98 25.36 -7.96 -27.11
C ASN C 98 25.99 -9.33 -26.75
N HIS C 99 25.80 -10.28 -27.67
CA HIS C 99 26.49 -11.56 -27.67
C HIS C 99 26.09 -12.35 -26.44
N ASN C 100 24.77 -12.48 -26.30
CA ASN C 100 24.12 -13.25 -25.26
C ASN C 100 24.41 -12.71 -23.82
N HIS C 101 24.31 -11.39 -23.65
CA HIS C 101 24.45 -10.76 -22.33
C HIS C 101 23.54 -9.55 -22.22
N ALA C 102 22.43 -9.74 -21.54
CA ALA C 102 21.42 -8.71 -21.34
C ALA C 102 21.90 -7.61 -20.45
N ASN C 103 22.82 -7.94 -19.53
CA ASN C 103 23.36 -6.97 -18.59
C ASN C 103 22.24 -6.32 -17.77
N GLU C 104 21.50 -7.20 -17.11
CA GLU C 104 20.28 -6.85 -16.42
C GLU C 104 20.59 -6.52 -14.96
N ARG C 105 19.98 -5.44 -14.45
CA ARG C 105 20.20 -4.93 -13.09
C ARG C 105 18.88 -4.66 -12.40
N MET C 106 18.94 -4.52 -11.08
CA MET C 106 17.83 -4.04 -10.31
C MET C 106 18.20 -2.64 -9.86
N LEU C 107 17.39 -1.67 -10.25
CA LEU C 107 17.67 -0.26 -9.98
C LEU C 107 16.40 0.52 -9.59
N PHE C 108 16.58 1.58 -8.82
CA PHE C 108 15.47 2.42 -8.38
C PHE C 108 15.03 3.45 -9.42
N HIS C 109 13.76 3.83 -9.33
CA HIS C 109 13.17 4.93 -10.11
C HIS C 109 12.13 5.68 -9.30
N GLY C 110 12.25 7.00 -9.26
CA GLY C 110 11.32 7.85 -8.51
C GLY C 110 10.71 8.83 -9.48
N SER C 111 9.38 8.91 -9.48
CA SER C 111 8.67 9.76 -10.42
C SER C 111 7.30 10.15 -9.90
N PRO C 112 6.87 11.38 -10.21
CA PRO C 112 5.43 11.68 -10.15
C PRO C 112 4.56 10.67 -10.96
N PHE C 113 5.09 10.05 -12.01
CA PHE C 113 4.28 9.18 -12.88
C PHE C 113 4.18 7.70 -12.43
N VAL C 114 4.59 7.41 -11.19
CA VAL C 114 4.63 6.05 -10.70
C VAL C 114 3.34 5.26 -11.00
N ASN C 115 2.18 5.87 -10.72
CA ASN C 115 0.91 5.20 -10.94
C ASN C 115 0.64 4.93 -12.42
N ALA C 116 0.97 5.85 -13.30
CA ALA C 116 0.90 5.56 -14.73
C ALA C 116 1.89 4.46 -15.14
N ILE C 117 3.11 4.53 -14.62
CA ILE C 117 4.14 3.57 -15.00
C ILE C 117 3.71 2.14 -14.66
N ILE C 118 3.20 1.88 -13.47
CA ILE C 118 2.83 0.50 -13.15
C ILE C 118 1.67 -0.05 -14.02
N HIS C 119 0.84 0.83 -14.61
CA HIS C 119 -0.32 0.37 -15.36
C HIS C 119 -0.03 0.27 -16.82
N LYS C 120 0.71 1.26 -17.34
CA LYS C 120 0.95 1.38 -18.75
C LYS C 120 2.40 1.11 -19.18
N GLY C 121 3.30 0.96 -18.19
CA GLY C 121 4.72 0.71 -18.44
C GLY C 121 5.48 1.99 -18.71
N PHE C 122 6.80 1.88 -18.85
CA PHE C 122 7.63 3.04 -19.13
C PHE C 122 7.55 3.41 -20.61
N ASP C 123 7.57 4.70 -20.94
CA ASP C 123 7.76 5.21 -22.30
C ASP C 123 8.24 6.69 -22.27
N GLU C 124 8.28 7.35 -23.42
CA GLU C 124 8.86 8.72 -23.51
C GLU C 124 8.29 9.81 -22.59
N ARG C 125 7.10 9.60 -22.02
CA ARG C 125 6.50 10.61 -21.11
C ARG C 125 7.24 10.66 -19.79
N HIS C 126 8.03 9.60 -19.54
CA HIS C 126 8.77 9.42 -18.28
C HIS C 126 10.26 9.74 -18.46
N ALA C 127 10.59 10.32 -19.64
CA ALA C 127 11.94 10.74 -20.03
C ALA C 127 12.31 12.07 -19.41
N TYR C 128 13.59 12.18 -19.01
CA TYR C 128 14.12 13.34 -18.35
C TYR C 128 14.75 14.18 -19.43
N ILE C 129 13.95 15.02 -20.07
CA ILE C 129 14.40 15.77 -21.25
C ILE C 129 15.76 16.47 -21.02
N GLY C 130 15.90 17.20 -19.91
CA GLY C 130 17.13 17.97 -19.67
C GLY C 130 18.19 17.29 -18.82
N GLY C 131 18.24 15.97 -18.80
CA GLY C 131 19.21 15.24 -18.01
C GLY C 131 20.61 15.27 -18.63
N MET C 132 21.61 15.26 -17.76
CA MET C 132 23.03 15.28 -18.15
C MET C 132 23.53 14.23 -19.14
N PHE C 133 22.84 13.10 -19.27
CA PHE C 133 23.28 12.05 -20.19
C PHE C 133 22.32 11.90 -21.36
N GLY C 134 21.48 12.91 -21.56
CA GLY C 134 20.57 12.93 -22.68
C GLY C 134 19.17 12.60 -22.25
N ALA C 135 18.21 12.74 -23.17
CA ALA C 135 16.80 12.57 -22.87
C ALA C 135 16.44 11.08 -22.92
N GLY C 136 16.44 10.43 -21.75
CA GLY C 136 15.98 9.08 -21.63
C GLY C 136 15.41 8.85 -20.25
N ILE C 137 15.18 7.58 -19.92
CA ILE C 137 14.63 7.22 -18.63
C ILE C 137 15.79 6.91 -17.69
N TYR C 138 15.81 7.61 -16.54
CA TYR C 138 16.91 7.56 -15.59
C TYR C 138 16.61 6.63 -14.40
N PHE C 139 17.63 5.90 -13.96
CA PHE C 139 17.58 4.94 -12.84
C PHE C 139 18.81 5.12 -11.95
N ALA C 140 18.66 4.79 -10.67
CA ALA C 140 19.73 4.95 -9.71
C ALA C 140 20.03 3.70 -8.89
N GLU C 141 21.31 3.57 -8.54
CA GLU C 141 21.76 2.57 -7.55
C GLU C 141 21.50 3.03 -6.11
N ASN C 142 21.61 4.33 -5.89
CA ASN C 142 21.24 4.93 -4.60
C ASN C 142 19.73 5.19 -4.54
N SER C 143 19.02 4.49 -3.67
CA SER C 143 17.59 4.76 -3.45
C SER C 143 17.34 6.25 -3.18
N SER C 144 18.27 6.87 -2.44
CA SER C 144 18.09 8.26 -2.04
C SER C 144 18.20 9.17 -3.23
N LYS C 145 18.87 8.72 -4.29
CA LYS C 145 18.89 9.51 -5.56
C LYS C 145 17.52 9.53 -6.22
N SER C 146 16.89 8.35 -6.33
CA SER C 146 15.58 8.27 -6.91
C SER C 146 14.55 9.04 -6.03
N ASN C 147 14.72 9.03 -4.73
CA ASN C 147 13.86 9.79 -3.82
C ASN C 147 13.78 11.31 -4.08
N GLN C 148 14.84 11.88 -4.63
CA GLN C 148 14.87 13.33 -4.99
C GLN C 148 13.90 13.65 -6.14
N TYR C 149 13.51 12.66 -6.95
CA TYR C 149 12.59 12.85 -8.08
C TYR C 149 11.13 12.48 -7.82
N VAL C 150 10.85 12.02 -6.61
CA VAL C 150 9.54 11.42 -6.33
C VAL C 150 8.45 12.47 -6.43
N TYR C 151 8.74 13.70 -6.05
CA TYR C 151 7.81 14.80 -6.26
C TYR C 151 8.11 15.62 -7.47
N GLY C 152 8.94 15.12 -8.38
CA GLY C 152 9.34 15.87 -9.55
C GLY C 152 10.80 16.27 -9.53
N ILE C 153 11.24 16.85 -10.65
CA ILE C 153 12.61 17.36 -10.83
C ILE C 153 12.92 18.36 -9.72
N GLY C 154 14.05 18.17 -9.05
CA GLY C 154 14.45 19.04 -7.95
C GLY C 154 13.57 18.85 -6.74
N GLY C 155 12.75 17.80 -6.74
CA GLY C 155 11.74 17.60 -5.71
C GLY C 155 10.49 18.46 -5.85
N GLY C 156 10.33 19.11 -7.01
CA GLY C 156 9.21 19.98 -7.30
C GLY C 156 8.91 20.95 -6.17
N THR C 157 7.65 21.00 -5.74
CA THR C 157 7.24 21.79 -4.55
C THR C 157 7.03 20.90 -3.34
N GLY C 158 7.45 19.65 -3.46
CA GLY C 158 7.33 18.71 -2.37
C GLY C 158 5.97 18.06 -2.26
N CYS C 159 5.64 17.58 -1.08
CA CYS C 159 4.44 16.79 -0.90
C CYS C 159 3.22 17.61 -1.30
N PRO C 160 2.18 16.95 -1.81
CA PRO C 160 0.97 17.72 -2.16
C PRO C 160 0.28 18.40 -0.97
N VAL C 161 0.30 17.77 0.21
CA VAL C 161 -0.45 18.29 1.34
C VAL C 161 0.25 19.44 2.06
N HIS C 162 1.56 19.33 2.27
CA HIS C 162 2.29 20.36 3.01
C HIS C 162 3.26 21.18 2.17
N LYS C 163 3.43 20.85 0.90
CA LYS C 163 4.42 21.52 0.04
C LYS C 163 5.82 21.43 0.64
N ASP C 164 6.13 20.27 1.20
CA ASP C 164 7.34 20.12 1.96
C ASP C 164 8.17 18.97 1.36
N ARG C 165 9.28 19.35 0.72
CA ARG C 165 10.22 18.40 0.12
C ARG C 165 10.82 17.47 1.16
N SER C 166 10.88 17.92 2.41
CA SER C 166 11.36 17.06 3.47
C SER C 166 10.25 16.48 4.36
N CYS C 167 9.05 16.32 3.82
CA CYS C 167 7.91 15.85 4.61
C CYS C 167 8.16 14.47 5.21
N TYR C 168 8.03 14.39 6.54
CA TYR C 168 8.13 13.14 7.32
C TYR C 168 6.81 12.43 7.58
N ILE C 169 5.70 13.04 7.12
CA ILE C 169 4.35 12.50 7.34
C ILE C 169 3.81 11.81 6.08
N CYS C 170 3.92 12.47 4.94
CA CYS C 170 3.33 11.92 3.72
C CYS C 170 4.04 10.70 3.16
N HIS C 171 3.22 9.84 2.58
CA HIS C 171 3.63 8.55 2.03
C HIS C 171 4.28 8.70 0.67
N ARG C 172 5.45 8.13 0.48
CA ARG C 172 6.12 8.23 -0.81
C ARG C 172 6.13 6.88 -1.51
N GLN C 173 6.30 6.90 -2.82
CA GLN C 173 6.46 5.67 -3.59
C GLN C 173 7.63 5.71 -4.55
N LEU C 174 8.36 4.58 -4.61
CA LEU C 174 9.49 4.39 -5.50
C LEU C 174 9.28 3.04 -6.13
N LEU C 175 9.86 2.85 -7.32
CA LEU C 175 9.92 1.56 -7.98
C LEU C 175 11.31 0.97 -7.91
N PHE C 176 11.37 -0.35 -7.77
CA PHE C 176 12.61 -1.11 -7.83
C PHE C 176 12.44 -1.99 -9.05
N CYS C 177 13.15 -1.66 -10.12
CA CYS C 177 12.87 -2.16 -11.44
C CYS C 177 13.97 -3.03 -12.01
N ARG C 178 13.58 -3.90 -12.92
CA ARG C 178 14.47 -4.76 -13.61
C ARG C 178 14.82 -3.96 -14.86
N VAL C 179 16.11 -3.67 -15.06
CA VAL C 179 16.60 -2.85 -16.16
C VAL C 179 17.63 -3.59 -17.06
N THR C 180 17.33 -3.64 -18.36
CA THR C 180 18.27 -4.20 -19.32
C THR C 180 19.22 -3.10 -19.87
N LEU C 181 20.50 -3.18 -19.55
CA LEU C 181 21.52 -2.19 -19.97
C LEU C 181 22.21 -2.54 -21.26
N GLY C 182 22.29 -3.83 -21.54
CA GLY C 182 23.06 -4.30 -22.67
C GLY C 182 24.49 -3.77 -22.68
N LYS C 183 24.93 -3.32 -23.85
CA LYS C 183 26.24 -2.68 -23.98
C LYS C 183 26.09 -1.23 -23.55
N SER C 184 26.62 -0.92 -22.38
CA SER C 184 26.39 0.38 -21.77
C SER C 184 27.58 1.24 -22.07
N PHE C 185 27.33 2.51 -22.44
CA PHE C 185 28.39 3.45 -22.73
C PHE C 185 28.74 4.13 -21.41
N LEU C 186 30.02 4.05 -21.05
CA LEU C 186 30.46 4.56 -19.79
C LEU C 186 30.80 6.03 -19.91
N GLN C 187 30.14 6.85 -19.11
CA GLN C 187 30.32 8.28 -19.10
C GLN C 187 30.66 8.71 -17.68
N PHE C 188 31.89 9.13 -17.44
CA PHE C 188 32.26 9.70 -16.16
C PHE C 188 31.70 11.10 -16.08
N SER C 189 31.39 11.53 -14.86
CA SER C 189 30.67 12.76 -14.62
C SER C 189 31.29 13.45 -13.46
N ALA C 190 31.24 14.77 -13.51
CA ALA C 190 31.84 15.61 -12.47
C ALA C 190 31.06 15.61 -11.13
N MET C 191 29.92 14.92 -11.08
CA MET C 191 29.14 14.82 -9.83
C MET C 191 29.81 13.98 -8.69
N MET D 2 12.32 11.57 -27.05
CA MET D 2 13.35 10.69 -26.44
C MET D 2 14.53 10.46 -27.41
N ALA D 3 15.74 10.79 -26.98
CA ALA D 3 16.96 10.61 -27.80
C ALA D 3 17.25 9.13 -28.06
N HIS D 4 18.19 8.86 -28.96
CA HIS D 4 18.64 7.49 -29.22
C HIS D 4 19.87 7.24 -28.36
N SER D 5 20.13 5.96 -28.09
CA SER D 5 21.31 5.58 -27.35
C SER D 5 22.55 5.78 -28.23
N PRO D 6 23.72 5.94 -27.59
CA PRO D 6 24.95 6.05 -28.36
C PRO D 6 25.10 4.90 -29.36
N PRO D 7 25.62 5.19 -30.57
CA PRO D 7 25.89 4.18 -31.62
C PRO D 7 26.50 2.84 -31.15
N GLY D 8 25.73 1.79 -31.30
CA GLY D 8 26.19 0.47 -30.93
C GLY D 8 26.10 0.25 -29.43
N HIS D 9 25.38 1.12 -28.72
CA HIS D 9 25.13 0.94 -27.28
C HIS D 9 23.64 0.93 -26.97
N HIS D 10 23.28 0.27 -25.88
CA HIS D 10 21.91 0.13 -25.48
C HIS D 10 21.50 1.00 -24.29
N SER D 11 22.47 1.64 -23.65
CA SER D 11 22.21 2.42 -22.46
C SER D 11 23.42 3.28 -22.18
N VAL D 12 23.29 4.19 -21.23
CA VAL D 12 24.41 4.96 -20.71
C VAL D 12 24.54 4.74 -19.19
N THR D 13 25.80 4.59 -18.76
CA THR D 13 26.17 4.48 -17.36
C THR D 13 26.84 5.79 -17.00
N GLY D 14 26.21 6.53 -16.09
CA GLY D 14 26.73 7.78 -15.57
C GLY D 14 27.36 7.52 -14.23
N ARG D 15 28.67 7.65 -14.17
CA ARG D 15 29.42 7.21 -13.03
C ARG D 15 30.08 8.40 -12.35
N PRO D 16 29.68 8.72 -11.11
CA PRO D 16 30.32 9.84 -10.43
C PRO D 16 31.80 9.64 -10.24
N SER D 17 32.57 10.68 -10.57
CA SER D 17 34.01 10.62 -10.51
C SER D 17 34.64 11.50 -9.42
N VAL D 18 33.87 12.35 -8.76
CA VAL D 18 34.40 13.18 -7.64
C VAL D 18 33.95 12.66 -6.25
N ASN D 19 32.64 12.59 -6.04
CA ASN D 19 32.10 11.91 -4.85
C ASN D 19 32.26 10.39 -4.94
N GLY D 20 33.30 9.89 -4.28
CA GLY D 20 33.62 8.47 -4.28
C GLY D 20 32.57 7.60 -3.56
N LEU D 21 31.62 8.23 -2.87
CA LEU D 21 30.52 7.47 -2.23
C LEU D 21 29.25 7.45 -3.05
N ALA D 22 29.21 8.24 -4.13
CA ALA D 22 28.03 8.27 -4.98
C ALA D 22 28.04 7.11 -5.97
N LEU D 23 26.95 6.35 -6.02
CA LEU D 23 26.87 5.19 -6.92
C LEU D 23 26.38 5.65 -8.27
N ALA D 24 26.34 4.73 -9.21
CA ALA D 24 26.06 5.07 -10.60
C ALA D 24 24.61 5.33 -10.87
N GLU D 25 24.37 5.92 -12.04
CA GLU D 25 23.05 6.29 -12.56
C GLU D 25 22.98 5.77 -13.99
N TYR D 26 21.86 5.23 -14.40
CA TYR D 26 21.75 4.61 -15.70
C TYR D 26 20.61 5.21 -16.51
N VAL D 27 20.83 5.30 -17.82
CA VAL D 27 19.88 5.86 -18.77
C VAL D 27 19.58 4.86 -19.84
N ILE D 28 18.29 4.60 -20.06
CA ILE D 28 17.81 3.84 -21.23
C ILE D 28 16.97 4.74 -22.14
N TYR D 29 16.85 4.34 -23.39
CA TYR D 29 16.19 5.14 -24.41
C TYR D 29 15.01 4.38 -25.03
N ARG D 30 14.55 3.33 -24.35
CA ARG D 30 13.38 2.55 -24.79
C ARG D 30 12.67 2.13 -23.54
N GLY D 31 11.36 2.32 -23.46
CA GLY D 31 10.62 1.97 -22.25
C GLY D 31 10.54 0.47 -22.03
N GLU D 32 10.61 -0.28 -23.12
CA GLU D 32 10.61 -1.74 -23.10
C GLU D 32 11.83 -2.32 -22.40
N GLN D 33 12.86 -1.52 -22.19
CA GLN D 33 14.06 -1.98 -21.48
C GLN D 33 14.01 -1.92 -19.94
N ALA D 34 12.86 -1.59 -19.37
CA ALA D 34 12.69 -1.67 -17.93
C ALA D 34 11.30 -2.23 -17.58
N TYR D 35 11.25 -3.03 -16.51
CA TYR D 35 10.01 -3.53 -15.98
C TYR D 35 9.94 -3.10 -14.52
N PRO D 36 8.86 -2.37 -14.13
CA PRO D 36 8.71 -1.90 -12.77
C PRO D 36 8.26 -3.02 -11.85
N GLU D 37 9.20 -3.75 -11.27
CA GLU D 37 8.89 -5.02 -10.64
C GLU D 37 8.31 -4.88 -9.23
N TYR D 38 8.86 -3.99 -8.42
CA TYR D 38 8.43 -3.79 -7.04
C TYR D 38 7.98 -2.36 -6.84
N LEU D 39 6.87 -2.20 -6.13
CA LEU D 39 6.39 -0.88 -5.72
C LEU D 39 6.56 -0.72 -4.22
N ILE D 40 7.29 0.30 -3.82
CA ILE D 40 7.68 0.47 -2.44
C ILE D 40 7.04 1.74 -1.90
N THR D 41 6.24 1.59 -0.83
CA THR D 41 5.58 2.72 -0.19
C THR D 41 6.29 2.99 1.15
N TYR D 42 6.60 4.26 1.43
CA TYR D 42 7.55 4.56 2.50
C TYR D 42 7.43 5.94 2.98
N GLN D 43 7.98 6.20 4.15
CA GLN D 43 8.30 7.57 4.59
C GLN D 43 9.79 7.72 4.79
N ILE D 44 10.32 8.94 4.63
CA ILE D 44 11.67 9.24 5.14
C ILE D 44 11.52 9.51 6.61
N MET D 45 12.56 9.18 7.37
CA MET D 45 12.57 9.35 8.82
C MET D 45 13.44 10.54 9.26
N ARG D 46 12.89 11.38 10.16
CA ARG D 46 13.63 12.47 10.79
C ARG D 46 14.79 11.92 11.62
N PRO D 47 16.02 12.42 11.42
CA PRO D 47 17.15 11.93 12.24
C PRO D 47 17.01 12.32 13.70
N GLU D 48 17.55 11.52 14.63
CA GLU D 48 17.35 11.70 16.08
C GLU D 48 18.51 12.40 16.79
CAV 1UW E . -3.57 -12.86 12.50
CAS 1UW E . -4.65 -11.78 12.59
OAP 1UW E . -4.16 -10.66 11.85
CAG 1UW E . -4.26 -9.38 12.35
OAK 1UW E . -3.44 -8.96 13.15
CAI 1UW E . -5.21 -8.56 11.66
CAO 1UW E . -4.77 -7.57 10.78
CAM 1UW E . -5.67 -6.77 10.06
CAN 1UW E . -6.60 -8.73 11.78
CAL 1UW E . -7.51 -7.93 11.07
CAH 1UW E . -7.07 -6.93 10.18
CAA 1UW E . -7.93 -6.09 9.45
OAC 1UW E . -7.28 -5.16 8.69
CAF 1UW E . -7.94 -4.17 7.99
CAR 1UW E . -7.18 -3.18 7.33
CAU 1UW E . -7.86 -2.16 6.65
CAT 1UW E . -9.26 -2.15 6.63
CAQ 1UW E . -9.99 -3.15 7.29
CAE 1UW E . -9.34 -4.18 7.95
CAD 1UW E . -10.04 -5.19 8.64
OAJ 1UW E . -11.28 -5.22 8.63
CAB 1UW E . -9.33 -6.10 9.44
ZN ZN F . -13.68 -23.49 1.39
S SO4 G . -6.65 -2.33 -2.49
O1 SO4 G . -6.94 -1.17 -1.66
O2 SO4 G . -7.35 -2.12 -3.80
O3 SO4 G . -5.19 -2.42 -2.60
O4 SO4 G . -7.13 -3.53 -1.76
S SO4 H . -22.59 -10.92 -10.65
O1 SO4 H . -22.65 -9.55 -10.09
O2 SO4 H . -23.94 -11.29 -11.17
O3 SO4 H . -21.65 -11.03 -11.79
O4 SO4 H . -22.19 -11.86 -9.57
CAV 1UW I . 8.63 15.89 -13.30
CAS 1UW I . 8.70 15.32 -14.73
OAP 1UW I . 9.28 13.96 -14.67
CAG 1UW I . 10.51 13.74 -15.24
OAK 1UW I . 10.81 14.17 -16.36
CAI 1UW I . 11.44 12.94 -14.51
CAO 1UW I . 11.07 11.80 -13.78
CAM 1UW I . 12.02 11.04 -13.10
CAN 1UW I . 12.80 13.27 -14.52
CAL 1UW I . 13.75 12.51 -13.83
CAH 1UW I . 13.39 11.39 -13.11
CAA 1UW I . 14.38 10.64 -12.44
OAC 1UW I . 15.66 11.09 -12.61
CAF 1UW I . 16.71 10.37 -12.09
CAR 1UW I . 18.03 10.77 -12.37
CAU 1UW I . 19.10 10.02 -11.89
CAT 1UW I . 18.86 8.88 -11.12
CAQ 1UW I . 17.54 8.49 -10.85
CAE 1UW I . 16.45 9.24 -11.30
CAD 1UW I . 15.13 8.80 -11.03
OAJ 1UW I . 14.87 7.82 -10.28
CAB 1UW I . 14.11 9.49 -11.66
ZN ZN J . 3.38 16.14 3.52
S SO4 K . 24.02 14.71 -5.50
O1 SO4 K . 24.36 16.05 -5.99
O2 SO4 K . 22.59 14.58 -5.30
O3 SO4 K . 24.37 13.72 -6.57
O4 SO4 K . 24.79 14.40 -4.26
S SO4 L . 18.64 8.29 12.52
O1 SO4 L . 18.32 8.98 13.81
O2 SO4 L . 17.43 8.20 11.64
O3 SO4 L . 19.70 9.06 11.85
O4 SO4 L . 19.15 6.92 12.74
#